data_2A1L
#
_entry.id   2A1L
#
_cell.length_a   65.945
_cell.length_b   65.948
_cell.length_c   133.513
_cell.angle_alpha   90.00
_cell.angle_beta   90.00
_cell.angle_gamma   90.00
#
_symmetry.space_group_name_H-M   'P 43 21 2'
#
loop_
_entity.id
_entity.type
_entity.pdbx_description
1 polymer 'Phosphatidylinositol transfer protein beta isoform'
2 non-polymer 1,2-DIOLEOYL-SN-GLYCERO-3-PHOSPHOCHOLINE
3 water water
#
_entity_poly.entity_id   1
_entity_poly.type   'polypeptide(L)'
_entity_poly.pdbx_seq_one_letter_code
;VLIKEFRVVLPCSVQEYQVGQLYSVAEASKNETGGGEGIEVLKNEPYENDGEKGQYTHKIYHLKSKVPAFVRMIAPEGSL
VFHEKAWNAYPYCRTIVTNEYMKDDFFIKIETWHKPDLGTLENVHGLDPNTWKTVEIVHIDIADRSQVEPADYKADEDPA
LFQSVKTKRGPLGPNWKKELANTPDCPKMCAYKLVTIKFKWWGLQSKVENFIQKQEKRIFTNLHRQLFCWIDKWIDLTME
DIRRMEDETQKELETMRKKGSVRGTSAADA
;
_entity_poly.pdbx_strand_id   A
#
# COMPACT_ATOMS: atom_id res chain seq x y z
N VAL A 1 -18.68 -8.75 -3.75
CA VAL A 1 -17.95 -7.45 -3.63
C VAL A 1 -17.79 -7.13 -2.16
N LEU A 2 -16.64 -6.55 -1.79
CA LEU A 2 -16.37 -6.22 -0.41
C LEU A 2 -15.71 -4.86 -0.32
N ILE A 3 -16.27 -3.98 0.51
CA ILE A 3 -15.74 -2.64 0.66
C ILE A 3 -15.28 -2.37 2.09
N LYS A 4 -14.06 -1.87 2.22
CA LYS A 4 -13.50 -1.54 3.54
C LYS A 4 -12.71 -0.24 3.43
N GLU A 5 -12.68 0.54 4.50
CA GLU A 5 -11.88 1.77 4.48
C GLU A 5 -10.79 1.64 5.53
N PHE A 6 -9.55 1.69 5.08
CA PHE A 6 -8.41 1.61 5.99
C PHE A 6 -7.91 3.00 6.29
N ARG A 7 -7.82 3.33 7.57
CA ARG A 7 -7.34 4.64 7.97
C ARG A 7 -5.95 4.53 8.60
N VAL A 8 -4.98 5.15 7.95
CA VAL A 8 -3.61 5.11 8.44
C VAL A 8 -3.20 6.49 8.91
N VAL A 9 -3.13 6.67 10.22
CA VAL A 9 -2.73 7.93 10.80
C VAL A 9 -1.21 7.90 10.91
N LEU A 10 -0.56 8.99 10.52
CA LEU A 10 0.89 9.06 10.56
C LEU A 10 1.41 10.36 11.18
N PRO A 11 2.62 10.31 11.77
CA PRO A 11 3.22 11.49 12.38
C PRO A 11 4.04 12.25 11.33
N CYS A 12 3.36 12.65 10.25
CA CYS A 12 4.01 13.40 9.18
C CYS A 12 2.94 14.21 8.46
N SER A 13 3.35 15.22 7.71
CA SER A 13 2.40 16.07 7.01
C SER A 13 1.97 15.44 5.69
N VAL A 14 0.91 15.98 5.10
CA VAL A 14 0.40 15.48 3.85
C VAL A 14 1.43 15.71 2.75
N GLN A 15 2.13 16.83 2.86
CA GLN A 15 3.18 17.21 1.91
C GLN A 15 4.35 16.23 1.97
N GLU A 16 4.85 15.97 3.17
CA GLU A 16 5.97 15.05 3.37
C GLU A 16 5.61 13.65 2.88
N TYR A 17 4.38 13.23 3.16
CA TYR A 17 3.94 11.91 2.75
C TYR A 17 3.99 11.72 1.23
N GLN A 18 3.74 12.76 0.46
CA GLN A 18 3.77 12.62 -0.99
C GLN A 18 5.12 12.04 -1.43
N VAL A 19 6.18 12.53 -0.81
CA VAL A 19 7.52 12.07 -1.11
C VAL A 19 7.78 10.72 -0.41
N GLY A 20 7.39 10.65 0.87
CA GLY A 20 7.58 9.44 1.65
C GLY A 20 6.93 8.19 1.07
N GLN A 21 5.68 8.33 0.61
CA GLN A 21 4.96 7.22 0.02
C GLN A 21 5.69 6.68 -1.20
N LEU A 22 6.08 7.58 -2.09
CA LEU A 22 6.78 7.20 -3.30
C LEU A 22 8.12 6.55 -2.99
N TYR A 23 8.86 7.13 -2.05
CA TYR A 23 10.14 6.56 -1.67
C TYR A 23 9.94 5.15 -1.13
N SER A 24 8.99 5.00 -0.21
CA SER A 24 8.72 3.72 0.42
C SER A 24 8.18 2.66 -0.54
N VAL A 25 7.29 3.06 -1.44
CA VAL A 25 6.75 2.10 -2.40
C VAL A 25 7.89 1.58 -3.29
N ALA A 26 8.80 2.47 -3.66
CA ALA A 26 9.93 2.09 -4.49
C ALA A 26 10.82 1.06 -3.80
N GLU A 27 11.11 1.28 -2.51
CA GLU A 27 11.96 0.36 -1.76
C GLU A 27 11.25 -0.95 -1.43
N ALA A 28 9.98 -0.85 -1.10
CA ALA A 28 9.21 -2.05 -0.76
C ALA A 28 9.08 -2.94 -2.00
N SER A 29 9.01 -2.31 -3.17
CA SER A 29 8.88 -3.04 -4.43
C SER A 29 10.12 -3.88 -4.70
N LYS A 30 11.28 -3.30 -4.40
CA LYS A 30 12.53 -4.00 -4.61
C LYS A 30 12.68 -5.16 -3.63
N ASN A 31 12.12 -5.01 -2.44
CA ASN A 31 12.20 -6.06 -1.43
C ASN A 31 11.34 -7.27 -1.75
N GLU A 32 10.45 -7.13 -2.74
CA GLU A 32 9.56 -8.22 -3.12
C GLU A 32 10.00 -8.85 -4.43
N THR A 33 11.01 -8.27 -5.06
CA THR A 33 11.43 -8.74 -6.37
C THR A 33 12.70 -9.59 -6.46
N GLY A 34 12.56 -10.69 -7.20
CA GLY A 34 13.65 -11.63 -7.41
C GLY A 34 13.13 -13.02 -7.77
N GLY A 35 14.01 -13.85 -8.32
CA GLY A 35 13.65 -15.21 -8.67
C GLY A 35 12.40 -15.39 -9.51
N GLY A 36 12.17 -14.48 -10.45
CA GLY A 36 11.00 -14.61 -11.31
C GLY A 36 9.75 -13.93 -10.79
N GLU A 37 9.77 -13.55 -9.51
CA GLU A 37 8.63 -12.90 -8.89
C GLU A 37 8.97 -11.48 -8.44
N GLY A 38 7.93 -10.65 -8.33
CA GLY A 38 8.16 -9.29 -7.90
C GLY A 38 7.39 -8.27 -8.72
N ILE A 39 7.85 -7.03 -8.64
CA ILE A 39 7.20 -5.93 -9.34
C ILE A 39 7.91 -5.53 -10.61
N GLU A 40 7.11 -5.23 -11.62
CA GLU A 40 7.61 -4.81 -12.92
C GLU A 40 6.93 -3.48 -13.23
N VAL A 41 7.71 -2.44 -13.49
CA VAL A 41 7.13 -1.14 -13.82
C VAL A 41 7.10 -0.95 -15.33
N LEU A 42 5.91 -0.72 -15.88
CA LEU A 42 5.76 -0.51 -17.31
C LEU A 42 5.68 0.98 -17.62
N LYS A 43 5.02 1.72 -16.75
CA LYS A 43 4.86 3.16 -16.93
C LYS A 43 4.86 3.93 -15.63
N ASN A 44 5.41 5.13 -15.68
CA ASN A 44 5.49 6.05 -14.55
C ASN A 44 5.68 7.41 -15.19
N GLU A 45 4.58 8.05 -15.55
CA GLU A 45 4.62 9.34 -16.23
C GLU A 45 3.49 10.28 -15.80
N PRO A 46 3.66 11.59 -16.07
CA PRO A 46 2.63 12.58 -15.71
C PRO A 46 1.46 12.43 -16.69
N TYR A 47 0.31 12.97 -16.31
CA TYR A 47 -0.88 12.92 -17.18
C TYR A 47 -1.78 14.10 -16.88
N GLU A 48 -2.82 14.28 -17.70
CA GLU A 48 -3.76 15.37 -17.49
C GLU A 48 -5.11 15.07 -18.13
N ASN A 49 -5.81 14.08 -17.56
CA ASN A 49 -7.13 13.68 -18.05
C ASN A 49 -8.15 14.71 -17.62
N ASP A 50 -8.94 15.19 -18.57
CA ASP A 50 -9.96 16.17 -18.28
C ASP A 50 -9.31 17.31 -17.50
N GLY A 51 -9.94 17.73 -16.41
CA GLY A 51 -9.39 18.80 -15.60
C GLY A 51 -8.58 18.31 -14.41
N GLU A 52 -7.92 17.17 -14.57
CA GLU A 52 -7.12 16.61 -13.48
C GLU A 52 -5.69 16.32 -13.89
N LYS A 53 -4.75 16.75 -13.06
CA LYS A 53 -3.33 16.53 -13.31
C LYS A 53 -2.81 15.49 -12.31
N GLY A 54 -1.83 14.70 -12.72
CA GLY A 54 -1.29 13.70 -11.82
C GLY A 54 -0.23 12.81 -12.43
N GLN A 55 0.16 11.78 -11.67
CA GLN A 55 1.17 10.84 -12.14
C GLN A 55 0.52 9.49 -12.41
N TYR A 56 0.80 8.93 -13.57
CA TYR A 56 0.23 7.64 -13.93
C TYR A 56 1.27 6.54 -13.87
N THR A 57 0.90 5.40 -13.28
CA THR A 57 1.79 4.27 -13.18
C THR A 57 1.10 2.98 -13.61
N HIS A 58 1.84 2.12 -14.28
CA HIS A 58 1.34 0.84 -14.71
C HIS A 58 2.39 -0.17 -14.27
N LYS A 59 2.00 -1.09 -13.41
CA LYS A 59 2.92 -2.08 -12.91
C LYS A 59 2.29 -3.45 -12.97
N ILE A 60 3.13 -4.47 -12.97
CA ILE A 60 2.68 -5.85 -13.00
C ILE A 60 3.34 -6.60 -11.85
N TYR A 61 2.52 -7.32 -11.09
CA TYR A 61 3.02 -8.12 -9.98
C TYR A 61 3.04 -9.58 -10.41
N HIS A 62 4.19 -10.23 -10.24
CA HIS A 62 4.35 -11.65 -10.57
C HIS A 62 4.36 -12.33 -9.21
N LEU A 63 3.26 -13.01 -8.89
CA LEU A 63 3.11 -13.62 -7.57
C LEU A 63 2.97 -15.14 -7.48
N LYS A 64 3.66 -15.87 -8.33
CA LYS A 64 3.59 -17.34 -8.34
C LYS A 64 3.61 -18.00 -6.96
N SER A 65 4.73 -17.89 -6.25
CA SER A 65 4.87 -18.51 -4.94
C SER A 65 4.43 -17.63 -3.78
N LYS A 66 3.99 -16.41 -4.09
CA LYS A 66 3.56 -15.48 -3.04
C LYS A 66 2.09 -15.65 -2.67
N VAL A 67 1.32 -16.28 -3.56
CA VAL A 67 -0.09 -16.53 -3.30
C VAL A 67 -0.23 -17.83 -2.52
N PRO A 68 -1.37 -18.02 -1.85
CA PRO A 68 -1.55 -19.27 -1.11
C PRO A 68 -1.73 -20.47 -2.04
N ALA A 69 -1.40 -21.65 -1.52
CA ALA A 69 -1.50 -22.88 -2.28
C ALA A 69 -2.84 -23.06 -2.98
N PHE A 70 -3.93 -22.71 -2.30
CA PHE A 70 -5.24 -22.88 -2.89
C PHE A 70 -5.45 -22.04 -4.15
N VAL A 71 -4.71 -20.95 -4.27
CA VAL A 71 -4.80 -20.08 -5.43
C VAL A 71 -4.01 -20.71 -6.59
N ARG A 72 -2.88 -21.35 -6.28
CA ARG A 72 -2.09 -22.01 -7.32
C ARG A 72 -2.88 -23.19 -7.87
N MET A 73 -3.73 -23.79 -7.02
CA MET A 73 -4.55 -24.93 -7.43
C MET A 73 -5.63 -24.60 -8.44
N ILE A 74 -6.30 -23.45 -8.27
CA ILE A 74 -7.39 -23.07 -9.16
C ILE A 74 -6.96 -22.21 -10.36
N ALA A 75 -5.81 -21.56 -10.24
CA ALA A 75 -5.33 -20.68 -11.30
C ALA A 75 -4.59 -21.37 -12.42
N PRO A 76 -4.98 -21.09 -13.67
CA PRO A 76 -4.26 -21.74 -14.78
C PRO A 76 -2.80 -21.32 -14.75
N GLU A 77 -1.94 -22.13 -15.33
CA GLU A 77 -0.53 -21.84 -15.35
C GLU A 77 -0.21 -20.56 -16.13
N GLY A 78 0.51 -19.66 -15.48
CA GLY A 78 0.90 -18.41 -16.10
C GLY A 78 -0.09 -17.26 -15.95
N SER A 79 -1.17 -17.48 -15.20
CA SER A 79 -2.18 -16.46 -15.02
C SER A 79 -2.03 -15.62 -13.74
N LEU A 80 -1.06 -15.95 -12.89
CA LEU A 80 -0.88 -15.21 -11.65
C LEU A 80 -0.03 -13.96 -11.87
N VAL A 81 -0.50 -13.13 -12.79
CA VAL A 81 0.12 -11.87 -13.17
C VAL A 81 -0.97 -10.84 -12.96
N PHE A 82 -0.63 -9.73 -12.32
CA PHE A 82 -1.62 -8.70 -12.04
C PHE A 82 -1.17 -7.30 -12.45
N HIS A 83 -2.04 -6.62 -13.18
CA HIS A 83 -1.76 -5.26 -13.62
C HIS A 83 -2.33 -4.28 -12.61
N GLU A 84 -1.52 -3.29 -12.25
CA GLU A 84 -1.92 -2.25 -11.31
C GLU A 84 -1.79 -0.91 -12.02
N LYS A 85 -2.91 -0.24 -12.26
CA LYS A 85 -2.89 1.07 -12.89
C LYS A 85 -3.27 2.08 -11.81
N ALA A 86 -2.50 3.14 -11.68
CA ALA A 86 -2.79 4.14 -10.67
C ALA A 86 -2.69 5.58 -11.19
N TRP A 87 -3.70 6.37 -10.90
CA TRP A 87 -3.74 7.77 -11.30
C TRP A 87 -3.58 8.54 -10.00
N ASN A 88 -2.32 8.85 -9.69
CA ASN A 88 -1.99 9.56 -8.48
C ASN A 88 -2.10 11.07 -8.68
N ALA A 89 -3.20 11.64 -8.18
CA ALA A 89 -3.40 13.08 -8.29
C ALA A 89 -3.34 13.57 -6.85
N TYR A 90 -2.27 13.18 -6.15
CA TYR A 90 -2.05 13.55 -4.75
C TYR A 90 -2.62 14.92 -4.50
N PRO A 91 -3.29 15.12 -3.36
CA PRO A 91 -3.61 14.21 -2.25
C PRO A 91 -4.65 13.13 -2.53
N TYR A 92 -5.06 12.97 -3.79
CA TYR A 92 -6.02 11.95 -4.13
C TYR A 92 -5.41 10.91 -5.08
N CYS A 93 -5.77 9.64 -4.89
CA CYS A 93 -5.24 8.61 -5.78
C CYS A 93 -6.29 7.56 -6.06
N ARG A 94 -6.26 7.04 -7.28
CA ARG A 94 -7.18 5.99 -7.69
C ARG A 94 -6.34 4.90 -8.32
N THR A 95 -6.38 3.72 -7.73
CA THR A 95 -5.61 2.58 -8.20
C THR A 95 -6.56 1.42 -8.51
N ILE A 96 -6.26 0.68 -9.55
CA ILE A 96 -7.08 -0.46 -9.92
C ILE A 96 -6.18 -1.62 -10.31
N VAL A 97 -6.45 -2.78 -9.71
CA VAL A 97 -5.67 -3.96 -10.00
C VAL A 97 -6.58 -4.92 -10.74
N THR A 98 -6.08 -5.48 -11.83
CA THR A 98 -6.83 -6.41 -12.65
C THR A 98 -6.02 -7.66 -13.01
N ASN A 99 -6.70 -8.62 -13.61
CA ASN A 99 -6.06 -9.87 -14.01
C ASN A 99 -6.65 -10.25 -15.36
N GLU A 100 -5.78 -10.50 -16.33
CA GLU A 100 -6.19 -10.84 -17.69
C GLU A 100 -7.16 -12.02 -17.80
N TYR A 101 -6.83 -13.13 -17.13
CA TYR A 101 -7.67 -14.31 -17.18
C TYR A 101 -9.04 -14.13 -16.55
N MET A 102 -9.10 -13.36 -15.47
CA MET A 102 -10.35 -13.11 -14.76
C MET A 102 -11.20 -12.07 -15.47
N LYS A 103 -10.58 -11.30 -16.36
CA LYS A 103 -11.30 -10.26 -17.08
C LYS A 103 -12.10 -9.38 -16.13
N ASP A 104 -13.39 -9.23 -16.41
CA ASP A 104 -14.26 -8.38 -15.61
C ASP A 104 -14.77 -8.98 -14.30
N ASP A 105 -14.48 -10.24 -14.03
CA ASP A 105 -14.94 -10.85 -12.78
C ASP A 105 -14.01 -10.62 -11.58
N PHE A 106 -12.93 -9.86 -11.79
CA PHE A 106 -12.00 -9.56 -10.72
C PHE A 106 -11.42 -8.16 -10.74
N PHE A 107 -11.34 -7.54 -9.57
CA PHE A 107 -10.72 -6.24 -9.47
C PHE A 107 -10.49 -5.78 -8.05
N ILE A 108 -9.42 -5.00 -7.88
CA ILE A 108 -9.13 -4.42 -6.58
C ILE A 108 -9.04 -2.94 -6.84
N LYS A 109 -9.94 -2.17 -6.27
CA LYS A 109 -9.90 -0.74 -6.45
C LYS A 109 -9.52 -0.11 -5.13
N ILE A 110 -8.51 0.75 -5.15
CA ILE A 110 -8.08 1.45 -3.94
C ILE A 110 -8.19 2.95 -4.24
N GLU A 111 -9.03 3.65 -3.48
CA GLU A 111 -9.16 5.09 -3.67
C GLU A 111 -8.72 5.73 -2.36
N THR A 112 -7.74 6.60 -2.45
CA THR A 112 -7.19 7.24 -1.26
C THR A 112 -7.22 8.76 -1.22
N TRP A 113 -7.62 9.28 -0.07
CA TRP A 113 -7.64 10.72 0.19
C TRP A 113 -6.63 10.91 1.33
N HIS A 114 -5.72 11.86 1.18
CA HIS A 114 -4.75 12.13 2.23
C HIS A 114 -5.16 13.47 2.85
N LYS A 115 -5.54 13.43 4.12
CA LYS A 115 -5.98 14.64 4.81
C LYS A 115 -5.14 14.97 6.04
N PRO A 116 -5.09 16.26 6.40
CA PRO A 116 -4.34 16.76 7.56
C PRO A 116 -5.12 16.64 8.86
N ASP A 117 -5.44 15.41 9.25
CA ASP A 117 -6.17 15.16 10.49
C ASP A 117 -5.76 13.80 11.05
N LEU A 118 -6.53 13.28 12.00
CA LEU A 118 -6.17 12.00 12.61
C LEU A 118 -7.19 10.89 12.43
N GLY A 119 -7.71 10.74 11.21
CA GLY A 119 -8.68 9.71 10.91
C GLY A 119 -10.04 9.84 11.55
N THR A 120 -10.59 11.06 11.59
CA THR A 120 -11.90 11.27 12.20
C THR A 120 -12.95 11.58 11.15
N LEU A 121 -12.51 11.95 9.96
CA LEU A 121 -13.46 12.26 8.89
C LEU A 121 -14.28 11.03 8.55
N GLU A 122 -15.56 11.24 8.25
CA GLU A 122 -16.45 10.13 7.92
C GLU A 122 -17.00 10.21 6.51
N ASN A 123 -16.80 9.13 5.76
CA ASN A 123 -17.24 9.01 4.39
C ASN A 123 -16.57 10.05 3.48
N VAL A 124 -15.28 10.25 3.69
CA VAL A 124 -14.49 11.20 2.92
C VAL A 124 -14.59 10.97 1.42
N HIS A 125 -14.87 9.73 1.03
CA HIS A 125 -15.00 9.40 -0.39
C HIS A 125 -16.40 9.69 -0.90
N GLY A 126 -17.23 10.26 -0.03
CA GLY A 126 -18.58 10.62 -0.39
C GLY A 126 -19.42 9.54 -1.03
N LEU A 127 -19.34 8.31 -0.53
CA LEU A 127 -20.13 7.21 -1.07
C LEU A 127 -21.59 7.39 -0.66
N ASP A 128 -22.48 6.64 -1.31
CA ASP A 128 -23.89 6.69 -0.99
C ASP A 128 -24.02 6.43 0.50
N PRO A 129 -24.75 7.28 1.23
CA PRO A 129 -24.97 7.17 2.68
C PRO A 129 -25.30 5.77 3.18
N ASN A 130 -26.22 5.10 2.49
CA ASN A 130 -26.61 3.76 2.89
C ASN A 130 -25.53 2.72 2.61
N THR A 131 -24.82 2.90 1.50
CA THR A 131 -23.75 1.99 1.16
C THR A 131 -22.63 2.20 2.16
N TRP A 132 -22.33 3.47 2.43
CA TRP A 132 -21.28 3.82 3.37
C TRP A 132 -21.45 3.15 4.72
N LYS A 133 -22.70 3.01 5.16
CA LYS A 133 -22.99 2.38 6.45
C LYS A 133 -22.67 0.89 6.47
N THR A 134 -22.36 0.31 5.31
CA THR A 134 -22.02 -1.11 5.26
C THR A 134 -20.52 -1.30 5.06
N VAL A 135 -19.78 -0.20 5.03
CA VAL A 135 -18.33 -0.26 4.85
C VAL A 135 -17.62 -0.38 6.19
N GLU A 136 -16.78 -1.39 6.33
CA GLU A 136 -16.05 -1.57 7.58
C GLU A 136 -14.87 -0.62 7.61
N ILE A 137 -14.70 0.06 8.75
CA ILE A 137 -13.61 1.01 8.94
C ILE A 137 -12.53 0.32 9.74
N VAL A 138 -11.32 0.27 9.17
CA VAL A 138 -10.20 -0.37 9.84
C VAL A 138 -9.16 0.68 10.19
N HIS A 139 -8.89 0.82 11.48
CA HIS A 139 -7.92 1.80 11.94
C HIS A 139 -6.56 1.15 12.05
N ILE A 140 -5.65 1.54 11.18
CA ILE A 140 -4.30 0.98 11.19
C ILE A 140 -3.40 1.84 12.07
N ASP A 141 -2.82 1.23 13.09
CA ASP A 141 -1.93 1.90 14.03
C ASP A 141 -0.54 1.33 13.79
N ILE A 142 0.34 2.11 13.16
CA ILE A 142 1.69 1.61 12.87
C ILE A 142 2.54 1.34 14.11
N ALA A 143 2.05 1.72 15.28
CA ALA A 143 2.81 1.50 16.51
C ALA A 143 2.33 0.26 17.24
N ASP A 144 1.15 -0.21 16.88
CA ASP A 144 0.55 -1.38 17.51
C ASP A 144 1.09 -2.73 17.02
N ARG A 145 1.88 -3.35 17.89
CA ARG A 145 2.52 -4.64 17.63
C ARG A 145 1.50 -5.77 17.40
N SER A 146 0.33 -5.64 18.00
CA SER A 146 -0.71 -6.67 17.86
C SER A 146 -1.29 -6.71 16.45
N GLN A 147 -1.14 -5.62 15.70
CA GLN A 147 -1.66 -5.55 14.34
C GLN A 147 -0.67 -6.10 13.30
N VAL A 148 0.45 -6.60 13.79
CA VAL A 148 1.49 -7.15 12.91
C VAL A 148 1.49 -8.66 12.92
N GLU A 149 1.63 -9.26 11.75
CA GLU A 149 1.67 -10.71 11.66
C GLU A 149 3.06 -11.12 12.14
N PRO A 150 3.14 -12.05 13.11
CA PRO A 150 4.40 -12.55 13.68
C PRO A 150 5.48 -12.84 12.65
N ALA A 151 5.08 -13.41 11.52
CA ALA A 151 6.04 -13.72 10.47
C ALA A 151 6.63 -12.46 9.81
N ASP A 152 5.91 -11.35 9.87
CA ASP A 152 6.39 -10.10 9.26
C ASP A 152 7.19 -9.22 10.23
N TYR A 153 7.02 -9.45 11.52
CA TYR A 153 7.71 -8.62 12.51
C TYR A 153 9.22 -8.58 12.41
N LYS A 154 9.74 -7.36 12.46
CA LYS A 154 11.16 -7.10 12.42
C LYS A 154 11.37 -5.95 13.41
N ALA A 155 12.20 -6.18 14.42
CA ALA A 155 12.49 -5.17 15.43
C ALA A 155 13.09 -3.90 14.86
N ASP A 156 13.77 -4.02 13.73
CA ASP A 156 14.40 -2.84 13.12
C ASP A 156 13.40 -2.09 12.20
N GLU A 157 12.17 -2.56 12.20
CA GLU A 157 11.12 -1.92 11.39
C GLU A 157 9.93 -1.65 12.30
N ASP A 158 10.21 -1.59 13.60
CA ASP A 158 9.21 -1.36 14.62
C ASP A 158 9.17 0.11 15.01
N PRO A 159 8.18 0.86 14.51
CA PRO A 159 8.10 2.28 14.87
C PRO A 159 7.95 2.53 16.37
N ALA A 160 7.59 1.49 17.12
CA ALA A 160 7.43 1.63 18.56
C ALA A 160 8.80 1.53 19.22
N LEU A 161 9.83 1.29 18.41
CA LEU A 161 11.20 1.18 18.91
C LEU A 161 12.17 2.03 18.10
N PHE A 162 11.64 2.92 17.27
CA PHE A 162 12.48 3.75 16.43
C PHE A 162 12.30 5.25 16.65
N GLN A 163 13.42 5.98 16.54
CA GLN A 163 13.39 7.43 16.69
C GLN A 163 14.17 8.05 15.54
N SER A 164 13.55 9.03 14.89
CA SER A 164 14.15 9.72 13.76
C SER A 164 15.29 10.64 14.20
N VAL A 165 16.40 10.58 13.47
CA VAL A 165 17.56 11.42 13.76
C VAL A 165 17.38 12.83 13.20
N LYS A 166 16.68 12.95 12.08
CA LYS A 166 16.47 14.25 11.43
C LYS A 166 15.23 15.02 11.84
N THR A 167 14.29 14.36 12.51
CA THR A 167 13.06 15.02 12.93
C THR A 167 12.84 14.83 14.40
N LYS A 168 13.55 13.87 14.98
CA LYS A 168 13.44 13.57 16.40
C LYS A 168 12.09 12.98 16.76
N ARG A 169 11.27 12.67 15.76
CA ARG A 169 9.98 12.07 16.05
C ARG A 169 10.34 10.72 16.67
N GLY A 170 10.54 10.76 17.99
CA GLY A 170 10.92 9.60 18.77
C GLY A 170 10.09 8.36 18.58
N PRO A 171 10.34 7.30 19.37
CA PRO A 171 9.57 6.06 19.24
C PRO A 171 8.10 6.31 19.54
N LEU A 172 7.23 5.71 18.74
CA LEU A 172 5.79 5.87 18.92
C LEU A 172 5.29 4.99 20.05
N GLY A 173 4.99 5.63 21.18
CA GLY A 173 4.49 4.91 22.33
C GLY A 173 3.04 4.53 22.12
N PRO A 174 2.43 3.80 23.07
CA PRO A 174 1.03 3.36 23.00
C PRO A 174 0.01 4.48 22.74
N ASN A 175 0.25 5.64 23.33
CA ASN A 175 -0.66 6.78 23.20
C ASN A 175 -0.16 7.88 22.27
N TRP A 176 0.70 7.54 21.32
CA TRP A 176 1.22 8.55 20.41
C TRP A 176 0.13 9.34 19.67
N LYS A 177 -0.94 8.66 19.26
CA LYS A 177 -2.02 9.30 18.52
C LYS A 177 -2.67 10.45 19.32
N LYS A 178 -3.18 10.15 20.51
CA LYS A 178 -3.81 11.16 21.34
C LYS A 178 -2.80 12.28 21.65
N GLU A 179 -1.55 11.91 21.83
CA GLU A 179 -0.50 12.89 22.10
C GLU A 179 -0.38 13.85 20.93
N LEU A 180 -0.23 13.29 19.74
CA LEU A 180 -0.11 14.06 18.51
C LEU A 180 -1.32 14.99 18.37
N ALA A 181 -2.48 14.48 18.75
CA ALA A 181 -3.73 15.24 18.67
C ALA A 181 -3.62 16.61 19.34
N ASN A 182 -3.04 16.61 20.55
CA ASN A 182 -2.86 17.84 21.30
C ASN A 182 -1.48 18.44 21.13
N THR A 183 -0.77 18.05 20.08
CA THR A 183 0.57 18.55 19.81
C THR A 183 0.65 19.33 18.50
N PRO A 184 0.13 20.56 18.49
CA PRO A 184 0.16 21.42 17.30
C PRO A 184 1.57 21.70 16.80
N CYS A 186 3.67 19.60 15.77
CA CYS A 186 4.05 18.43 14.98
C CYS A 186 3.07 18.13 13.87
N PRO A 187 3.59 17.69 12.71
CA PRO A 187 2.74 17.35 11.56
C PRO A 187 1.89 16.12 11.83
N LYS A 188 0.73 16.07 11.20
CA LYS A 188 -0.18 14.94 11.36
C LYS A 188 -0.98 14.77 10.09
N MET A 189 -1.42 13.55 9.83
CA MET A 189 -2.19 13.27 8.63
C MET A 189 -2.82 11.90 8.71
N CYS A 190 -3.69 11.62 7.74
CA CYS A 190 -4.33 10.33 7.67
C CYS A 190 -4.68 9.97 6.23
N ALA A 191 -4.31 8.76 5.86
CA ALA A 191 -4.62 8.26 4.53
C ALA A 191 -5.88 7.42 4.68
N TYR A 192 -6.93 7.83 3.97
CA TYR A 192 -8.19 7.09 4.00
C TYR A 192 -8.17 6.25 2.73
N LYS A 193 -7.87 4.96 2.89
CA LYS A 193 -7.78 4.06 1.76
C LYS A 193 -9.04 3.22 1.65
N LEU A 194 -9.87 3.55 0.67
CA LEU A 194 -11.12 2.82 0.44
C LEU A 194 -10.81 1.68 -0.51
N VAL A 195 -11.00 0.45 -0.05
CA VAL A 195 -10.69 -0.69 -0.89
C VAL A 195 -11.95 -1.45 -1.28
N THR A 196 -12.19 -1.54 -2.58
CA THR A 196 -13.35 -2.27 -3.10
C THR A 196 -12.81 -3.49 -3.85
N ILE A 197 -13.19 -4.67 -3.38
CA ILE A 197 -12.74 -5.92 -3.98
C ILE A 197 -13.85 -6.73 -4.59
N LYS A 198 -13.61 -7.29 -5.76
CA LYS A 198 -14.57 -8.14 -6.43
C LYS A 198 -13.87 -9.36 -6.98
N PHE A 199 -14.33 -10.54 -6.61
CA PHE A 199 -13.75 -11.76 -7.14
C PHE A 199 -14.89 -12.75 -7.40
N LYS A 200 -15.54 -12.62 -8.55
CA LYS A 200 -16.64 -13.51 -8.89
C LYS A 200 -16.15 -14.89 -9.34
N TRP A 201 -16.41 -15.88 -8.50
CA TRP A 201 -16.01 -17.25 -8.78
C TRP A 201 -16.86 -18.11 -7.85
N TRP A 202 -17.86 -18.79 -8.42
CA TRP A 202 -18.76 -19.60 -7.60
C TRP A 202 -18.01 -20.51 -6.64
N GLY A 203 -18.35 -20.40 -5.36
CA GLY A 203 -17.72 -21.23 -4.35
C GLY A 203 -16.53 -20.60 -3.65
N LEU A 204 -15.95 -19.55 -4.23
CA LEU A 204 -14.78 -18.90 -3.65
C LEU A 204 -14.85 -17.38 -3.46
N GLN A 205 -15.93 -16.76 -3.92
CA GLN A 205 -16.05 -15.31 -3.81
C GLN A 205 -15.81 -14.75 -2.42
N SER A 206 -16.60 -15.19 -1.45
CA SER A 206 -16.45 -14.73 -0.07
C SER A 206 -15.04 -14.98 0.44
N LYS A 207 -14.53 -16.18 0.20
CA LYS A 207 -13.20 -16.55 0.66
C LYS A 207 -12.10 -15.68 0.07
N VAL A 208 -12.09 -15.51 -1.25
CA VAL A 208 -11.06 -14.72 -1.91
C VAL A 208 -11.15 -13.22 -1.63
N GLU A 209 -12.36 -12.67 -1.57
CA GLU A 209 -12.50 -11.25 -1.32
C GLU A 209 -12.00 -10.91 0.09
N ASN A 210 -12.35 -11.76 1.05
CA ASN A 210 -11.92 -11.57 2.43
C ASN A 210 -10.41 -11.75 2.52
N PHE A 211 -9.89 -12.73 1.78
CA PHE A 211 -8.45 -12.99 1.78
C PHE A 211 -7.67 -11.78 1.27
N ILE A 212 -8.17 -11.19 0.18
CA ILE A 212 -7.51 -10.03 -0.40
C ILE A 212 -7.59 -8.82 0.54
N GLN A 213 -8.71 -8.63 1.23
CA GLN A 213 -8.81 -7.50 2.15
C GLN A 213 -7.80 -7.68 3.28
N LYS A 214 -7.70 -8.92 3.78
CA LYS A 214 -6.77 -9.23 4.85
C LYS A 214 -5.36 -8.92 4.37
N GLN A 215 -5.04 -9.31 3.14
CA GLN A 215 -3.70 -9.05 2.61
C GLN A 215 -3.43 -7.57 2.35
N GLU A 216 -4.46 -6.83 1.96
CA GLU A 216 -4.29 -5.39 1.74
C GLU A 216 -4.02 -4.73 3.10
N LYS A 217 -4.70 -5.21 4.15
CA LYS A 217 -4.51 -4.67 5.49
C LYS A 217 -3.04 -4.85 5.90
N ARG A 218 -2.54 -6.07 5.69
CA ARG A 218 -1.16 -6.47 5.98
C ARG A 218 -0.13 -5.66 5.20
N ILE A 219 -0.39 -5.48 3.91
CA ILE A 219 0.51 -4.71 3.05
C ILE A 219 0.54 -3.24 3.48
N PHE A 220 -0.62 -2.69 3.84
CA PHE A 220 -0.69 -1.28 4.26
C PHE A 220 0.03 -1.09 5.58
N THR A 221 -0.11 -2.08 6.46
CA THR A 221 0.49 -2.04 7.78
C THR A 221 2.00 -2.09 7.73
N ASN A 222 2.57 -3.10 7.07
CA ASN A 222 4.02 -3.21 6.96
C ASN A 222 4.61 -2.04 6.19
N LEU A 223 3.95 -1.63 5.10
CA LEU A 223 4.48 -0.53 4.32
C LEU A 223 4.61 0.78 5.10
N HIS A 224 3.60 1.11 5.89
CA HIS A 224 3.67 2.36 6.62
C HIS A 224 4.56 2.29 7.86
N ARG A 225 4.71 1.10 8.42
CA ARG A 225 5.59 0.95 9.57
C ARG A 225 7.00 1.19 9.02
N GLN A 226 7.25 0.67 7.82
CA GLN A 226 8.55 0.86 7.18
C GLN A 226 8.73 2.31 6.78
N LEU A 227 7.69 2.90 6.18
CA LEU A 227 7.75 4.29 5.76
C LEU A 227 8.24 5.15 6.93
N PHE A 228 7.63 4.97 8.09
CA PHE A 228 8.05 5.74 9.27
C PHE A 228 9.51 5.48 9.67
N CYS A 229 9.91 4.21 9.71
CA CYS A 229 11.29 3.87 10.10
C CYS A 229 12.35 4.26 9.07
N TRP A 230 11.93 4.62 7.87
CA TRP A 230 12.85 5.03 6.83
C TRP A 230 12.77 6.55 6.67
N ILE A 231 12.04 7.20 7.57
CA ILE A 231 11.86 8.65 7.49
C ILE A 231 13.13 9.46 7.30
N ASP A 232 14.24 9.04 7.89
CA ASP A 232 15.47 9.80 7.72
C ASP A 232 16.02 9.65 6.31
N LYS A 233 15.60 8.59 5.62
CA LYS A 233 16.06 8.35 4.26
C LYS A 233 15.36 9.26 3.27
N TRP A 234 14.07 9.56 3.51
CA TRP A 234 13.30 10.37 2.57
C TRP A 234 12.81 11.74 3.03
N ILE A 235 12.92 12.04 4.31
CA ILE A 235 12.43 13.32 4.82
C ILE A 235 13.02 14.56 4.12
N ASP A 236 14.30 14.51 3.73
CA ASP A 236 14.94 15.65 3.07
C ASP A 236 14.94 15.56 1.54
N LEU A 237 14.17 14.64 0.98
CA LEU A 237 14.15 14.50 -0.48
C LEU A 237 13.15 15.38 -1.18
N THR A 238 13.45 15.75 -2.42
CA THR A 238 12.56 16.58 -3.21
C THR A 238 11.83 15.65 -4.18
N MET A 239 10.74 16.14 -4.75
CA MET A 239 10.00 15.34 -5.70
C MET A 239 10.95 14.94 -6.84
N GLU A 240 11.88 15.84 -7.16
CA GLU A 240 12.87 15.60 -8.21
C GLU A 240 13.80 14.42 -7.89
N ASP A 241 14.17 14.27 -6.63
CA ASP A 241 15.03 13.16 -6.24
C ASP A 241 14.23 11.86 -6.39
N ILE A 242 12.94 11.92 -6.08
CA ILE A 242 12.07 10.74 -6.20
C ILE A 242 11.95 10.30 -7.66
N ARG A 243 11.71 11.25 -8.56
CA ARG A 243 11.60 10.87 -9.97
C ARG A 243 12.90 10.25 -10.48
N ARG A 244 14.03 10.67 -9.91
CA ARG A 244 15.31 10.10 -10.30
C ARG A 244 15.40 8.68 -9.74
N MET A 245 14.96 8.52 -8.49
CA MET A 245 14.97 7.22 -7.83
C MET A 245 14.04 6.22 -8.50
N GLU A 246 12.90 6.71 -9.00
CA GLU A 246 11.94 5.83 -9.66
C GLU A 246 12.50 5.33 -10.99
N ASP A 247 13.28 6.17 -11.67
CA ASP A 247 13.87 5.76 -12.94
C ASP A 247 14.88 4.67 -12.67
N GLU A 248 15.72 4.87 -11.64
CA GLU A 248 16.72 3.88 -11.27
C GLU A 248 16.03 2.59 -10.86
N THR A 249 15.04 2.72 -9.96
CA THR A 249 14.29 1.56 -9.45
C THR A 249 13.64 0.73 -10.57
N GLN A 250 13.03 1.39 -11.54
CA GLN A 250 12.41 0.69 -12.65
C GLN A 250 13.43 -0.27 -13.27
N LYS A 251 14.63 0.25 -13.51
CA LYS A 251 15.71 -0.54 -14.10
C LYS A 251 16.20 -1.66 -13.18
N GLU A 252 16.41 -1.34 -11.91
CA GLU A 252 16.88 -2.33 -10.93
C GLU A 252 15.89 -3.48 -10.76
N LEU A 253 14.61 -3.20 -10.96
CA LEU A 253 13.59 -4.22 -10.81
C LEU A 253 13.70 -5.24 -11.95
N GLU A 254 13.87 -4.74 -13.16
CA GLU A 254 13.99 -5.59 -14.34
C GLU A 254 15.12 -6.61 -14.17
N THR A 255 16.22 -6.18 -13.58
CA THR A 255 17.37 -7.07 -13.37
C THR A 255 17.20 -8.01 -12.19
N MET A 256 16.65 -7.51 -11.08
CA MET A 256 16.44 -8.33 -9.89
C MET A 256 15.49 -9.49 -10.15
N ARG A 257 14.37 -9.19 -10.79
CA ARG A 257 13.34 -10.19 -11.07
C ARG A 257 13.86 -11.41 -11.85
N LYS A 258 14.92 -11.21 -12.62
CA LYS A 258 15.52 -12.29 -13.41
C LYS A 258 16.41 -13.19 -12.55
N LYS A 259 17.27 -12.58 -11.75
CA LYS A 259 18.21 -13.31 -10.92
C LYS A 259 17.77 -13.61 -9.50
N GLY A 260 18.70 -14.20 -8.76
CA GLY A 260 18.46 -14.55 -7.36
C GLY A 260 17.28 -15.45 -7.11
N SER A 261 16.93 -15.58 -5.84
CA SER A 261 15.79 -16.39 -5.45
C SER A 261 14.66 -15.45 -5.07
N VAL A 262 13.50 -16.00 -4.70
CA VAL A 262 12.36 -15.20 -4.32
C VAL A 262 12.58 -14.57 -2.94
N ARG A 263 12.12 -13.33 -2.79
CA ARG A 263 12.29 -12.61 -1.53
C ARG A 263 11.09 -11.72 -1.20
N GLY A 264 10.93 -11.40 0.09
CA GLY A 264 9.84 -10.55 0.50
C GLY A 264 8.67 -11.21 1.20
N THR A 265 7.52 -10.54 1.12
CA THR A 265 6.29 -11.00 1.73
C THR A 265 5.71 -12.23 1.03
N SER A 266 5.12 -13.13 1.81
CA SER A 266 4.49 -14.33 1.28
C SER A 266 3.15 -14.51 1.96
N ALA A 267 2.16 -15.02 1.22
CA ALA A 267 0.83 -15.25 1.78
C ALA A 267 0.54 -16.74 1.74
N ALA A 268 0.08 -17.27 2.86
CA ALA A 268 -0.22 -18.70 2.93
C ALA A 268 -1.42 -19.04 3.80
N ASP A 269 -2.36 -19.77 3.20
CA ASP A 269 -3.57 -20.21 3.89
C ASP A 269 -3.29 -21.66 4.28
N ALA A 270 -2.10 -21.88 4.84
CA ALA A 270 -1.67 -23.20 5.27
C ALA A 270 -2.53 -23.79 6.38
#